data_2VBZ
#
_entry.id   2VBZ
#
_cell.length_a   100.974
_cell.length_b   100.974
_cell.length_c   99.284
_cell.angle_alpha   90.00
_cell.angle_beta   90.00
_cell.angle_gamma   90.00
#
_symmetry.space_group_name_H-M   'P 42 21 2'
#
loop_
_entity.id
_entity.type
_entity.pdbx_description
1 polymer 'TRANSCRIPTIONAL REGULATORY PROTEIN'
2 non-polymer TRYPTOPHAN
3 water water
#
_entity_poly.entity_id   1
_entity_poly.type   'polypeptide(L)'
_entity_poly.pdbx_seq_one_letter_code
;MNEALDDIDRILVRELAADGRATLSELATRAGLSVSAVQSRVRRLESRGVVQGYSARINPEAVGHLLSAFVAITPLDPSQ
PDDAPARLEHIEEVESCYSVAGEESYVLLVRVASARALEDLLQRIRTTANVRTRSTIILNTFYSDRQHIP
;
_entity_poly.pdbx_strand_id   A,B
#
# COMPACT_ATOMS: atom_id res chain seq x y z
N ALA A 4 11.99 -19.12 -7.96
CA ALA A 4 13.23 -19.59 -7.25
C ALA A 4 13.38 -19.30 -5.70
N LEU A 5 12.27 -19.43 -4.92
CA LEU A 5 12.23 -19.11 -3.44
C LEU A 5 12.13 -20.28 -2.47
N ASP A 6 13.24 -20.77 -1.86
CA ASP A 6 13.18 -21.94 -0.88
C ASP A 6 12.43 -21.64 0.41
N ASP A 7 12.34 -22.56 1.36
CA ASP A 7 11.53 -22.27 2.58
C ASP A 7 12.15 -21.26 3.48
N ILE A 8 13.49 -21.22 3.47
CA ILE A 8 14.20 -20.25 4.26
C ILE A 8 13.79 -18.85 3.82
N ASP A 9 13.86 -18.56 2.53
CA ASP A 9 13.48 -17.24 2.08
C ASP A 9 12.04 -16.91 2.38
N ARG A 10 11.17 -17.92 2.27
CA ARG A 10 9.77 -17.78 2.62
C ARG A 10 9.57 -17.27 4.07
N ILE A 11 10.32 -17.85 5.02
CA ILE A 11 10.37 -17.39 6.43
C ILE A 11 10.94 -15.98 6.65
N LEU A 12 12.07 -15.67 6.01
CA LEU A 12 12.58 -14.30 6.06
C LEU A 12 11.60 -13.23 5.58
N VAL A 13 10.95 -13.40 4.40
CA VAL A 13 10.10 -12.32 3.82
C VAL A 13 8.83 -12.20 4.60
N ARG A 14 8.34 -13.34 5.10
CA ARG A 14 7.11 -13.28 5.86
C ARG A 14 7.34 -12.46 7.16
N GLU A 15 8.50 -12.66 7.78
CA GLU A 15 8.99 -11.91 8.93
C GLU A 15 9.26 -10.45 8.68
N LEU A 16 9.93 -10.17 7.56
CA LEU A 16 10.25 -8.82 7.18
C LEU A 16 8.98 -8.08 6.76
N ALA A 17 7.98 -8.82 6.25
CA ALA A 17 6.68 -8.22 5.96
C ALA A 17 6.08 -7.78 7.28
N ALA A 18 6.11 -8.63 8.30
CA ALA A 18 5.55 -8.32 9.62
C ALA A 18 6.43 -7.29 10.35
N ASP A 19 7.73 -7.48 10.31
CA ASP A 19 8.55 -6.54 10.96
C ASP A 19 9.74 -6.08 10.12
N GLY A 20 9.75 -4.88 9.62
CA GLY A 20 10.67 -4.65 8.57
C GLY A 20 11.85 -4.06 9.21
N ARG A 21 11.79 -4.00 10.52
CA ARG A 21 12.96 -3.59 11.30
C ARG A 21 13.48 -4.79 12.10
N ALA A 22 12.82 -5.99 11.98
CA ALA A 22 13.35 -7.32 12.40
C ALA A 22 14.88 -7.14 12.35
N THR A 23 15.59 -7.58 13.40
CA THR A 23 17.07 -7.64 13.22
C THR A 23 17.75 -8.95 12.84
N LEU A 24 18.92 -8.79 12.24
CA LEU A 24 19.48 -9.89 11.55
C LEU A 24 19.60 -11.00 12.57
N SER A 25 19.96 -10.63 13.80
CA SER A 25 20.08 -11.60 14.87
C SER A 25 18.76 -12.34 15.24
N GLU A 26 17.65 -11.60 15.40
CA GLU A 26 16.28 -12.12 15.50
C GLU A 26 15.83 -12.98 14.33
N LEU A 27 16.14 -12.55 13.10
CA LEU A 27 15.91 -13.33 11.90
C LEU A 27 16.67 -14.67 11.92
N ALA A 28 18.00 -14.57 12.17
CA ALA A 28 18.93 -15.75 12.34
C ALA A 28 18.39 -16.75 13.36
N THR A 29 18.02 -16.28 14.54
CA THR A 29 17.59 -17.33 15.41
C THR A 29 16.26 -17.90 14.98
N ARG A 30 15.38 -17.13 14.30
CA ARG A 30 14.18 -17.65 13.61
C ARG A 30 14.31 -18.58 12.40
N ALA A 31 15.22 -18.36 11.46
CA ALA A 31 15.40 -19.39 10.44
C ALA A 31 16.37 -20.50 10.85
N GLY A 32 16.90 -20.50 12.09
CA GLY A 32 18.11 -21.30 12.47
C GLY A 32 19.34 -21.11 11.57
N LEU A 33 19.79 -19.87 11.32
CA LEU A 33 21.02 -19.66 10.54
C LEU A 33 21.95 -18.70 11.27
N SER A 34 23.18 -18.48 10.75
CA SER A 34 24.07 -17.52 11.37
C SER A 34 23.67 -16.14 10.92
N VAL A 35 24.03 -15.12 11.67
CA VAL A 35 23.68 -13.82 11.27
C VAL A 35 24.34 -13.60 9.92
N SER A 36 25.49 -14.17 9.62
CA SER A 36 26.03 -13.97 8.23
C SER A 36 25.24 -14.67 7.07
N ALA A 37 24.71 -15.87 7.39
CA ALA A 37 23.87 -16.59 6.45
C ALA A 37 22.69 -15.66 6.12
N VAL A 38 22.11 -15.04 7.15
CA VAL A 38 20.88 -14.25 7.05
C VAL A 38 21.19 -13.02 6.28
N GLN A 39 22.24 -12.32 6.65
CA GLN A 39 22.53 -11.13 5.91
C GLN A 39 22.62 -11.35 4.42
N SER A 40 23.22 -12.45 4.02
CA SER A 40 23.56 -12.59 2.65
C SER A 40 22.33 -13.06 1.83
N ARG A 41 21.58 -14.05 2.34
CA ARG A 41 20.18 -14.30 1.98
C ARG A 41 19.35 -13.00 1.78
N VAL A 42 19.26 -12.10 2.80
CA VAL A 42 18.49 -10.90 2.69
C VAL A 42 18.91 -10.02 1.53
N ARG A 43 20.18 -9.71 1.37
CA ARG A 43 20.65 -8.98 0.17
C ARG A 43 20.40 -9.69 -1.11
N ARG A 44 20.33 -10.99 -1.13
CA ARG A 44 20.09 -11.59 -2.40
C ARG A 44 18.57 -11.40 -2.81
N LEU A 45 17.64 -11.67 -1.88
CA LEU A 45 16.26 -11.25 -1.89
C LEU A 45 16.10 -9.87 -2.36
N GLU A 46 16.93 -8.97 -1.82
CA GLU A 46 16.85 -7.56 -2.13
C GLU A 46 17.25 -7.25 -3.53
N SER A 47 18.17 -7.99 -4.11
CA SER A 47 18.84 -7.61 -5.40
C SER A 47 18.22 -8.33 -6.65
N ARG A 48 17.72 -9.57 -6.56
CA ARG A 48 16.53 -9.95 -7.35
C ARG A 48 15.48 -8.93 -6.81
N GLY A 49 14.31 -8.76 -7.37
CA GLY A 49 13.52 -7.68 -6.76
C GLY A 49 12.43 -8.26 -5.87
N VAL A 50 12.79 -9.24 -5.03
CA VAL A 50 11.80 -9.80 -4.10
C VAL A 50 11.47 -8.85 -2.97
N VAL A 51 12.42 -8.11 -2.44
CA VAL A 51 12.13 -7.09 -1.41
C VAL A 51 12.51 -5.78 -2.12
N GLN A 52 11.53 -4.87 -2.22
CA GLN A 52 11.71 -3.63 -3.01
C GLN A 52 12.13 -2.45 -2.18
N GLY A 53 12.00 -2.53 -0.85
CA GLY A 53 12.56 -1.48 0.06
C GLY A 53 11.88 -1.70 1.39
N TYR A 54 12.14 -0.80 2.31
CA TYR A 54 11.53 -0.94 3.64
C TYR A 54 10.85 0.41 3.95
N SER A 55 9.70 0.44 4.59
CA SER A 55 9.02 1.69 4.74
C SER A 55 8.36 1.66 6.09
N ALA A 56 8.34 2.82 6.77
CA ALA A 56 7.50 2.98 7.96
C ALA A 56 6.11 3.17 7.41
N ARG A 57 5.15 2.51 8.03
CA ARG A 57 3.78 2.68 7.60
C ARG A 57 3.16 3.81 8.45
N ILE A 58 3.26 5.04 7.93
CA ILE A 58 2.61 6.30 8.41
C ILE A 58 1.06 6.49 8.31
N ASN A 59 0.45 7.01 9.38
CA ASN A 59 -0.94 7.34 9.48
C ASN A 59 -1.23 8.58 8.70
N PRO A 60 -2.03 8.45 7.62
CA PRO A 60 -2.06 9.60 6.70
C PRO A 60 -2.79 10.79 7.37
N GLU A 61 -3.77 10.50 8.24
CA GLU A 61 -4.53 11.58 8.91
C GLU A 61 -3.68 12.39 9.82
N ALA A 62 -2.93 11.71 10.69
CA ALA A 62 -1.90 12.37 11.51
C ALA A 62 -0.94 13.31 10.79
N VAL A 63 -0.67 13.17 9.50
CA VAL A 63 0.22 14.15 8.86
C VAL A 63 -0.52 15.12 8.01
N GLY A 64 -1.83 15.14 8.15
CA GLY A 64 -2.63 16.16 7.43
C GLY A 64 -3.46 15.81 6.16
N HIS A 65 -3.24 14.61 5.61
CA HIS A 65 -4.05 13.99 4.59
C HIS A 65 -5.37 13.42 5.11
N LEU A 66 -6.32 14.32 5.36
CA LEU A 66 -7.67 13.95 5.79
C LEU A 66 -8.61 13.36 4.75
N LEU A 67 -8.26 13.46 3.45
CA LEU A 67 -9.08 12.93 2.36
C LEU A 67 -8.29 12.10 1.36
N SER A 68 -8.75 10.90 1.06
CA SER A 68 -8.06 10.02 0.20
C SER A 68 -9.06 9.56 -0.86
N ALA A 69 -8.63 9.26 -2.09
CA ALA A 69 -9.60 8.95 -3.12
C ALA A 69 -8.95 8.04 -4.14
N PHE A 70 -9.78 7.23 -4.78
CA PHE A 70 -9.32 6.53 -5.94
C PHE A 70 -9.69 7.42 -7.13
N VAL A 71 -8.73 7.69 -8.03
CA VAL A 71 -9.11 8.32 -9.28
C VAL A 71 -8.79 7.44 -10.47
N ALA A 72 -9.82 7.09 -11.24
CA ALA A 72 -9.65 6.30 -12.41
C ALA A 72 -9.41 7.30 -13.54
N ILE A 73 -8.48 7.03 -14.43
CA ILE A 73 -8.20 8.02 -15.47
C ILE A 73 -8.20 7.35 -16.84
N THR A 74 -8.69 8.08 -17.82
CA THR A 74 -8.65 7.59 -19.16
C THR A 74 -8.20 8.75 -20.17
N PRO A 75 -7.26 8.47 -21.11
CA PRO A 75 -6.73 9.31 -22.21
C PRO A 75 -7.77 10.05 -22.99
N LEU A 76 -7.56 11.36 -23.11
CA LEU A 76 -8.49 12.24 -23.79
C LEU A 76 -8.34 11.96 -25.30
N ASP A 77 -7.18 11.47 -25.73
CA ASP A 77 -7.18 10.68 -26.71
C ASP A 77 -5.97 9.76 -26.90
N PRO A 78 -6.26 8.44 -27.01
CA PRO A 78 -5.32 7.28 -26.73
C PRO A 78 -4.28 6.89 -27.78
N SER A 79 -4.06 7.79 -28.78
CA SER A 79 -3.11 7.51 -29.92
C SER A 79 -1.56 7.48 -29.66
N GLN A 80 -0.94 8.46 -28.97
CA GLN A 80 0.51 8.19 -28.55
C GLN A 80 0.47 7.06 -27.49
N PRO A 81 1.51 6.14 -27.49
CA PRO A 81 1.67 5.36 -26.25
C PRO A 81 1.57 6.33 -25.01
N ASP A 82 1.46 5.69 -23.85
CA ASP A 82 1.00 6.36 -22.70
C ASP A 82 2.07 6.92 -21.77
N ASP A 83 2.07 8.22 -21.77
CA ASP A 83 2.83 9.01 -20.88
C ASP A 83 2.41 8.94 -19.37
N ALA A 84 1.15 8.54 -19.11
CA ALA A 84 0.42 8.93 -17.92
C ALA A 84 1.15 8.62 -16.65
N PRO A 85 1.56 7.36 -16.43
CA PRO A 85 2.35 7.12 -15.23
C PRO A 85 3.61 7.96 -15.12
N ALA A 86 4.43 7.97 -16.16
CA ALA A 86 5.64 8.86 -16.21
C ALA A 86 5.33 10.30 -15.79
N ARG A 87 4.44 10.98 -16.51
CA ARG A 87 4.15 12.37 -16.25
C ARG A 87 3.41 12.69 -14.96
N LEU A 88 2.89 11.71 -14.22
CA LEU A 88 2.21 12.00 -12.96
C LEU A 88 3.12 11.60 -11.79
N GLU A 89 4.27 11.04 -12.13
CA GLU A 89 5.23 10.69 -11.09
C GLU A 89 5.69 11.89 -10.28
N HIS A 90 5.69 13.07 -10.82
CA HIS A 90 6.19 14.15 -10.05
C HIS A 90 5.11 14.93 -9.25
N ILE A 91 3.86 14.45 -9.29
CA ILE A 91 2.77 14.91 -8.39
C ILE A 91 2.87 14.06 -7.13
N GLU A 92 3.13 14.69 -6.02
CA GLU A 92 3.57 13.92 -4.89
C GLU A 92 2.35 13.36 -4.23
N GLU A 93 1.21 14.03 -4.45
CA GLU A 93 0.04 13.54 -3.76
C GLU A 93 -0.55 12.33 -4.41
N VAL A 94 0.03 11.90 -5.50
CA VAL A 94 -0.33 10.60 -5.97
C VAL A 94 0.56 9.48 -5.47
N GLU A 95 -0.03 8.58 -4.68
CA GLU A 95 0.66 7.57 -4.00
C GLU A 95 0.85 6.25 -4.74
N SER A 96 0.01 5.91 -5.75
CA SER A 96 -0.02 4.59 -6.45
C SER A 96 -0.68 4.78 -7.77
N CYS A 97 -0.31 3.93 -8.71
CA CYS A 97 -0.74 4.10 -10.07
C CYS A 97 -0.72 2.70 -10.71
N TYR A 98 -1.88 2.23 -11.09
CA TYR A 98 -2.02 0.94 -11.72
C TYR A 98 -2.69 1.09 -13.10
N SER A 99 -2.30 0.27 -14.09
CA SER A 99 -3.12 0.15 -15.32
C SER A 99 -4.07 -1.01 -15.05
N VAL A 100 -5.19 -0.96 -15.76
CA VAL A 100 -6.34 -1.68 -15.26
C VAL A 100 -7.06 -2.17 -16.53
N ALA A 101 -7.72 -3.32 -16.49
CA ALA A 101 -8.53 -3.72 -17.64
C ALA A 101 -9.89 -3.14 -17.48
N GLY A 102 -10.56 -2.87 -18.58
CA GLY A 102 -11.89 -2.30 -18.63
C GLY A 102 -11.98 -0.96 -19.32
N GLU A 103 -12.89 -0.14 -18.86
CA GLU A 103 -13.23 1.00 -19.64
C GLU A 103 -12.17 2.04 -19.39
N GLU A 104 -11.68 2.19 -18.18
CA GLU A 104 -10.61 3.20 -17.91
C GLU A 104 -9.19 2.61 -18.06
N SER A 105 -8.14 3.44 -17.96
CA SER A 105 -6.77 2.91 -18.16
C SER A 105 -5.90 2.83 -16.95
N TYR A 106 -6.00 3.83 -16.12
CA TYR A 106 -5.24 3.71 -14.91
C TYR A 106 -6.10 4.02 -13.76
N VAL A 107 -5.76 3.51 -12.60
CA VAL A 107 -6.41 3.88 -11.37
C VAL A 107 -5.25 4.40 -10.50
N LEU A 108 -5.39 5.63 -9.95
CA LEU A 108 -4.53 6.17 -8.91
C LEU A 108 -5.19 6.20 -7.55
N LEU A 109 -4.40 6.02 -6.52
CA LEU A 109 -4.85 6.42 -5.21
C LEU A 109 -4.13 7.67 -4.82
N VAL A 110 -4.88 8.59 -4.23
CA VAL A 110 -4.48 10.04 -4.11
C VAL A 110 -4.80 10.59 -2.71
N ARG A 111 -3.97 11.46 -2.18
CA ARG A 111 -4.18 11.87 -0.76
C ARG A 111 -3.96 13.34 -0.59
N VAL A 112 -4.91 14.03 -0.02
CA VAL A 112 -5.02 15.45 -0.13
C VAL A 112 -5.56 15.94 1.22
N ALA A 113 -5.53 17.24 1.44
CA ALA A 113 -5.87 17.83 2.77
C ALA A 113 -7.33 18.03 2.94
N SER A 114 -8.07 18.31 1.86
CA SER A 114 -9.46 18.69 2.05
C SER A 114 -10.18 18.57 0.72
N ALA A 115 -11.49 18.88 0.67
CA ALA A 115 -12.23 18.84 -0.60
C ALA A 115 -11.69 19.85 -1.60
N ARG A 116 -11.47 21.08 -1.18
CA ARG A 116 -10.92 22.06 -2.14
C ARG A 116 -9.60 21.60 -2.64
N ALA A 117 -8.77 20.98 -1.81
CA ALA A 117 -7.47 20.56 -2.31
C ALA A 117 -7.67 19.41 -3.30
N LEU A 118 -8.63 18.50 -3.04
CA LEU A 118 -8.99 17.52 -4.07
C LEU A 118 -9.39 18.20 -5.38
N GLU A 119 -10.18 19.25 -5.34
CA GLU A 119 -10.64 19.74 -6.65
C GLU A 119 -9.47 20.30 -7.48
N ASP A 120 -8.47 20.78 -6.73
CA ASP A 120 -7.39 21.44 -7.35
C ASP A 120 -6.48 20.41 -7.98
N LEU A 121 -6.30 19.31 -7.23
CA LEU A 121 -5.51 18.18 -7.63
C LEU A 121 -6.13 17.53 -8.87
N LEU A 122 -7.46 17.50 -8.97
CA LEU A 122 -8.05 16.81 -10.13
C LEU A 122 -7.72 17.65 -11.37
N GLN A 123 -7.88 18.96 -11.22
CA GLN A 123 -7.39 19.83 -12.28
C GLN A 123 -5.96 19.53 -12.67
N ARG A 124 -5.02 19.40 -11.73
CA ARG A 124 -3.64 19.18 -12.15
C ARG A 124 -3.55 17.89 -12.87
N ILE A 125 -4.22 16.85 -12.38
CA ILE A 125 -4.17 15.59 -13.04
C ILE A 125 -4.75 15.68 -14.48
N ARG A 126 -5.94 16.31 -14.61
CA ARG A 126 -6.62 16.40 -15.96
C ARG A 126 -5.60 17.05 -16.87
N THR A 127 -4.99 18.13 -16.39
CA THR A 127 -4.12 18.83 -17.30
C THR A 127 -2.76 18.14 -17.54
N THR A 128 -2.12 17.67 -16.48
CA THR A 128 -0.84 17.07 -16.71
C THR A 128 -0.84 15.78 -17.50
N ALA A 129 -1.86 14.89 -17.46
CA ALA A 129 -1.76 13.69 -18.33
C ALA A 129 -2.83 13.71 -19.45
N ASN A 130 -3.72 14.71 -19.39
CA ASN A 130 -4.61 14.89 -20.52
C ASN A 130 -5.55 13.71 -20.69
N VAL A 131 -6.48 13.62 -19.75
CA VAL A 131 -7.03 12.40 -19.23
C VAL A 131 -8.37 12.86 -18.70
N ARG A 132 -9.46 12.12 -18.82
CA ARG A 132 -10.58 12.47 -17.94
C ARG A 132 -10.50 11.65 -16.70
N THR A 133 -11.24 12.05 -15.67
CA THR A 133 -11.09 11.45 -14.36
C THR A 133 -12.41 10.99 -13.80
N ARG A 134 -12.45 9.85 -13.14
CA ARG A 134 -13.67 9.45 -12.34
C ARG A 134 -13.22 9.30 -10.88
N SER A 135 -13.85 10.01 -9.94
CA SER A 135 -13.34 9.98 -8.57
C SER A 135 -14.17 9.20 -7.68
N THR A 136 -13.56 8.39 -6.80
CA THR A 136 -14.25 7.68 -5.68
C THR A 136 -13.55 7.97 -4.40
N ILE A 137 -14.18 8.81 -3.54
CA ILE A 137 -13.63 9.14 -2.22
C ILE A 137 -13.72 7.96 -1.29
N ILE A 138 -12.62 7.64 -0.55
CA ILE A 138 -12.59 6.69 0.55
C ILE A 138 -13.23 7.30 1.80
N LEU A 139 -14.18 6.63 2.48
CA LEU A 139 -14.79 7.24 3.69
C LEU A 139 -13.99 6.76 4.90
N ASN A 140 -13.39 5.54 4.81
CA ASN A 140 -12.74 4.86 5.89
C ASN A 140 -11.92 3.69 5.38
N THR A 141 -10.68 3.57 5.86
CA THR A 141 -9.84 2.42 5.62
C THR A 141 -9.98 1.42 6.76
N PHE A 142 -10.55 0.23 6.52
CA PHE A 142 -10.60 -0.79 7.54
C PHE A 142 -9.31 -1.47 7.83
N TYR A 143 -8.42 -1.59 6.87
CA TYR A 143 -7.08 -2.23 7.04
C TYR A 143 -6.48 -2.21 5.66
N SER A 144 -5.15 -2.22 5.63
CA SER A 144 -4.48 -2.20 4.35
C SER A 144 -3.04 -2.71 4.36
N ASP A 145 -2.43 -2.80 3.18
CA ASP A 145 -1.16 -3.48 3.02
C ASP A 145 -1.05 -4.68 3.95
N ARG A 146 -2.08 -5.47 4.10
CA ARG A 146 -1.84 -6.64 4.81
C ARG A 146 -1.27 -7.71 3.92
N GLN A 147 0.04 -7.64 3.70
CA GLN A 147 0.77 -8.55 2.76
C GLN A 147 0.77 -9.97 3.17
N HIS A 148 0.44 -10.84 2.20
CA HIS A 148 0.19 -12.30 2.36
C HIS A 148 1.27 -13.11 1.65
N ILE A 149 2.05 -13.88 2.41
CA ILE A 149 3.02 -14.80 1.77
C ILE A 149 2.56 -16.28 1.87
N PRO A 150 2.27 -16.96 0.73
CA PRO A 150 1.74 -18.37 0.77
C PRO A 150 2.87 -19.43 0.79
N ALA B 4 -0.18 19.01 17.06
CA ALA B 4 1.25 19.31 16.68
C ALA B 4 2.13 18.16 15.95
N LEU B 5 2.51 18.41 14.70
CA LEU B 5 3.66 17.69 14.19
C LEU B 5 4.90 18.59 13.97
N ASP B 6 5.51 18.95 15.09
CA ASP B 6 6.83 19.58 15.15
C ASP B 6 7.68 19.25 13.91
N ASP B 7 8.13 20.23 13.12
CA ASP B 7 8.74 19.80 11.84
C ASP B 7 10.17 19.17 11.94
N ILE B 8 10.50 18.79 13.18
CA ILE B 8 11.54 17.78 13.41
C ILE B 8 10.94 16.34 13.34
N ASP B 9 9.83 16.08 14.06
CA ASP B 9 9.00 14.88 13.85
C ASP B 9 8.63 14.73 12.35
N ARG B 10 8.35 15.85 11.68
CA ARG B 10 8.05 15.90 10.24
C ARG B 10 9.27 15.37 9.48
N ILE B 11 10.51 15.83 9.77
CA ILE B 11 11.73 15.36 9.03
C ILE B 11 11.96 13.86 9.24
N LEU B 12 11.66 13.39 10.44
CA LEU B 12 11.82 11.97 10.77
C LEU B 12 10.95 11.02 9.93
N VAL B 13 9.64 11.22 9.94
CA VAL B 13 8.77 10.44 9.11
C VAL B 13 9.16 10.46 7.61
N ARG B 14 9.65 11.55 7.04
CA ARG B 14 10.01 11.51 5.59
C ARG B 14 11.16 10.58 5.33
N GLU B 15 12.06 10.55 6.33
CA GLU B 15 13.22 9.63 6.41
C GLU B 15 12.92 8.09 6.51
N LEU B 16 11.94 7.80 7.36
CA LEU B 16 11.42 6.50 7.70
C LEU B 16 10.44 5.97 6.68
N ALA B 17 9.82 6.87 5.91
CA ALA B 17 8.93 6.45 4.84
C ALA B 17 9.80 6.04 3.65
N ALA B 18 10.76 6.84 3.23
CA ALA B 18 11.75 6.35 2.27
C ALA B 18 12.63 5.15 2.75
N ASP B 19 12.79 4.98 4.06
CA ASP B 19 13.69 3.93 4.58
C ASP B 19 13.32 3.35 5.94
N GLY B 20 12.77 2.17 5.94
CA GLY B 20 12.27 1.60 7.18
C GLY B 20 13.39 1.12 8.08
N ARG B 21 14.56 0.85 7.49
CA ARG B 21 15.68 0.37 8.28
C ARG B 21 16.76 1.43 8.48
N ALA B 22 16.65 2.61 7.85
CA ALA B 22 17.48 3.76 8.32
C ALA B 22 17.66 3.58 9.84
N THR B 23 18.84 3.92 10.34
CA THR B 23 19.16 3.56 11.73
C THR B 23 19.21 4.73 12.63
N LEU B 24 18.84 4.51 13.90
CA LEU B 24 18.75 5.62 14.87
C LEU B 24 19.89 6.69 14.63
N SER B 25 21.15 6.25 14.50
CA SER B 25 22.29 7.12 14.13
C SER B 25 22.20 7.77 12.74
N GLU B 26 22.42 7.05 11.62
CA GLU B 26 22.36 7.66 10.23
C GLU B 26 21.20 8.68 10.07
N LEU B 27 20.12 8.51 10.86
CA LEU B 27 18.97 9.45 10.94
C LEU B 27 19.49 10.64 11.66
N ALA B 28 19.41 10.64 12.99
CA ALA B 28 20.11 11.62 13.89
C ALA B 28 21.16 12.59 13.26
N THR B 29 22.10 12.09 12.43
CA THR B 29 22.96 12.98 11.63
C THR B 29 22.13 13.91 10.66
N ARG B 30 21.59 13.38 9.53
CA ARG B 30 20.61 14.11 8.64
C ARG B 30 19.47 14.90 9.38
N ALA B 31 19.16 14.49 10.62
CA ALA B 31 18.16 15.13 11.51
C ALA B 31 18.67 16.24 12.51
N GLY B 32 20.01 16.47 12.59
CA GLY B 32 20.69 17.35 13.59
C GLY B 32 20.43 17.00 15.07
N LEU B 33 20.86 15.81 15.53
CA LEU B 33 20.48 15.36 16.90
C LEU B 33 21.34 14.21 17.56
N SER B 34 21.08 13.99 18.86
CA SER B 34 21.63 12.86 19.65
C SER B 34 20.93 11.58 19.23
N VAL B 35 21.62 10.45 19.31
CA VAL B 35 20.92 9.19 19.06
C VAL B 35 19.94 8.87 20.24
N SER B 36 19.51 9.87 20.97
CA SER B 36 18.67 9.56 22.15
C SER B 36 17.32 10.28 22.10
N ALA B 37 17.37 11.58 21.84
CA ALA B 37 16.14 12.29 21.46
C ALA B 37 15.64 11.85 20.03
N VAL B 38 16.52 11.30 19.18
CA VAL B 38 16.02 10.56 18.01
C VAL B 38 15.18 9.41 18.59
N GLN B 39 15.78 8.60 19.45
CA GLN B 39 15.11 7.40 19.87
C GLN B 39 13.81 7.66 20.61
N SER B 40 13.66 8.88 21.12
CA SER B 40 12.55 9.18 22.06
C SER B 40 11.23 9.33 21.34
N ARG B 41 11.18 10.39 20.50
CA ARG B 41 10.08 10.70 19.56
C ARG B 41 9.67 9.46 18.77
N VAL B 42 10.65 8.81 18.15
CA VAL B 42 10.40 7.58 17.43
C VAL B 42 9.53 6.67 18.31
N ARG B 43 9.90 6.48 19.59
CA ARG B 43 9.07 5.63 20.55
C ARG B 43 7.66 6.25 20.88
N ARG B 44 7.58 7.58 20.72
CA ARG B 44 6.41 8.41 21.05
C ARG B 44 5.46 8.51 19.83
N LEU B 45 6.09 8.83 18.68
CA LEU B 45 5.52 8.73 17.35
C LEU B 45 4.84 7.37 17.11
N GLU B 46 5.44 6.27 17.58
CA GLU B 46 4.77 4.97 17.47
C GLU B 46 3.66 4.84 18.49
N SER B 47 3.75 5.60 19.56
CA SER B 47 2.81 5.42 20.67
C SER B 47 1.49 6.19 20.33
N ARG B 48 1.62 7.54 20.17
CA ARG B 48 0.71 8.35 19.34
C ARG B 48 0.59 7.47 18.06
N GLY B 49 -0.61 7.24 17.50
CA GLY B 49 -0.67 6.38 16.28
C GLY B 49 0.00 6.83 14.95
N VAL B 50 1.05 7.64 14.99
CA VAL B 50 1.63 8.29 13.82
C VAL B 50 2.50 7.36 12.90
N VAL B 51 3.55 6.69 13.41
CA VAL B 51 4.05 5.54 12.67
C VAL B 51 3.42 4.36 13.30
N GLN B 52 2.71 3.63 12.50
CA GLN B 52 2.02 2.46 13.00
C GLN B 52 2.66 1.10 12.64
N GLY B 53 3.94 1.02 12.26
CA GLY B 53 4.54 -0.29 11.89
C GLY B 53 5.62 -0.16 10.85
N TYR B 54 6.43 -1.23 10.66
CA TYR B 54 7.49 -1.21 9.64
C TYR B 54 7.29 -2.40 8.80
N SER B 55 7.48 -2.28 7.49
CA SER B 55 7.17 -3.44 6.66
C SER B 55 8.14 -3.44 5.50
N ALA B 56 8.67 -4.60 5.12
CA ALA B 56 9.38 -4.65 3.88
C ALA B 56 8.32 -4.77 2.88
N ARG B 57 8.57 -4.19 1.70
CA ARG B 57 7.65 -4.23 0.61
C ARG B 57 8.05 -5.33 -0.33
N ILE B 58 7.31 -6.41 -0.32
CA ILE B 58 7.51 -7.60 -1.14
C ILE B 58 6.83 -7.52 -2.51
N ASN B 59 7.52 -7.93 -3.58
CA ASN B 59 6.92 -7.97 -4.87
C ASN B 59 5.96 -9.18 -4.89
N PRO B 60 4.63 -9.01 -5.22
CA PRO B 60 3.69 -10.19 -5.21
C PRO B 60 3.83 -11.30 -6.30
N GLU B 61 4.31 -10.92 -7.48
CA GLU B 61 4.63 -11.94 -8.49
C GLU B 61 5.68 -12.86 -7.97
N ALA B 62 6.77 -12.22 -7.56
CA ALA B 62 7.91 -12.88 -6.91
C ALA B 62 7.52 -13.97 -5.94
N VAL B 63 6.34 -13.91 -5.38
CA VAL B 63 5.93 -14.76 -4.29
C VAL B 63 4.65 -15.56 -4.66
N GLY B 64 4.34 -15.58 -5.97
CA GLY B 64 3.19 -16.39 -6.49
C GLY B 64 1.85 -15.72 -6.87
N HIS B 65 1.71 -14.43 -6.56
CA HIS B 65 0.51 -13.62 -6.77
C HIS B 65 0.60 -12.93 -8.14
N LEU B 66 0.29 -13.71 -9.16
CA LEU B 66 0.41 -13.24 -10.57
C LEU B 66 -0.82 -12.40 -11.07
N LEU B 67 -1.89 -12.39 -10.27
CA LEU B 67 -3.04 -11.65 -10.61
C LEU B 67 -3.52 -10.87 -9.40
N SER B 68 -3.60 -9.55 -9.57
CA SER B 68 -4.21 -8.66 -8.59
C SER B 68 -5.52 -7.97 -9.10
N ALA B 69 -6.39 -7.56 -8.21
CA ALA B 69 -7.66 -7.04 -8.68
C ALA B 69 -8.25 -6.11 -7.60
N PHE B 70 -8.92 -5.07 -8.01
CA PHE B 70 -9.73 -4.32 -7.13
C PHE B 70 -11.08 -5.00 -7.23
N VAL B 71 -11.71 -5.17 -6.10
CA VAL B 71 -12.96 -5.87 -6.17
C VAL B 71 -13.98 -5.00 -5.41
N ALA B 72 -15.07 -4.65 -6.05
CA ALA B 72 -15.89 -3.61 -5.55
C ALA B 72 -17.11 -4.34 -5.00
N ILE B 73 -17.42 -4.24 -3.74
CA ILE B 73 -18.54 -5.05 -3.21
C ILE B 73 -19.63 -4.19 -2.61
N THR B 74 -20.86 -4.67 -2.74
CA THR B 74 -22.07 -4.07 -2.16
C THR B 74 -22.93 -5.16 -1.50
N PRO B 75 -23.36 -4.98 -0.23
CA PRO B 75 -24.22 -6.01 0.43
C PRO B 75 -25.66 -6.15 -0.18
N LEU B 76 -26.12 -7.39 -0.21
CA LEU B 76 -27.34 -7.76 -0.96
C LEU B 76 -28.56 -7.44 -0.15
N ASP B 77 -28.47 -7.66 1.17
CA ASP B 77 -29.61 -7.38 2.01
C ASP B 77 -29.40 -6.17 2.94
N PRO B 78 -29.94 -4.99 2.59
CA PRO B 78 -29.75 -3.78 3.43
C PRO B 78 -30.40 -3.87 4.85
N SER B 79 -31.17 -4.93 5.09
CA SER B 79 -31.74 -5.05 6.39
C SER B 79 -30.91 -5.85 7.35
N GLN B 80 -29.75 -6.34 6.96
CA GLN B 80 -28.85 -7.01 7.91
C GLN B 80 -27.82 -6.02 8.37
N PRO B 81 -27.23 -6.21 9.55
CA PRO B 81 -26.10 -5.36 9.89
C PRO B 81 -25.03 -5.40 8.81
N ASP B 82 -24.51 -4.23 8.47
CA ASP B 82 -23.50 -4.15 7.46
C ASP B 82 -22.12 -4.29 8.09
N ASP B 83 -21.69 -5.54 8.26
CA ASP B 83 -20.36 -5.88 8.83
C ASP B 83 -19.34 -6.52 7.87
N ALA B 84 -19.39 -6.22 6.57
CA ALA B 84 -18.61 -6.96 5.61
C ALA B 84 -17.09 -6.92 5.91
N PRO B 85 -16.49 -5.73 6.26
CA PRO B 85 -15.02 -5.79 6.48
C PRO B 85 -14.60 -6.81 7.50
N ALA B 86 -15.43 -6.98 8.52
CA ALA B 86 -15.16 -7.87 9.62
C ALA B 86 -15.39 -9.29 9.19
N ARG B 87 -16.51 -9.61 8.55
CA ARG B 87 -16.68 -10.92 7.94
C ARG B 87 -15.58 -11.34 6.95
N LEU B 88 -14.85 -10.39 6.34
CA LEU B 88 -13.88 -10.79 5.34
C LEU B 88 -12.47 -10.80 5.88
N GLU B 89 -12.33 -10.22 7.06
CA GLU B 89 -10.98 -10.04 7.58
C GLU B 89 -10.14 -11.37 7.65
N HIS B 90 -10.74 -12.52 7.89
CA HIS B 90 -9.95 -13.72 7.96
C HIS B 90 -9.60 -14.27 6.58
N ILE B 91 -10.32 -13.87 5.53
CA ILE B 91 -9.87 -14.22 4.22
C ILE B 91 -8.52 -13.45 3.84
N GLU B 92 -7.44 -14.14 3.58
CA GLU B 92 -6.17 -13.51 3.69
C GLU B 92 -5.62 -12.98 2.45
N GLU B 93 -6.17 -13.40 1.34
CA GLU B 93 -5.73 -12.71 0.15
C GLU B 93 -6.41 -11.37 0.00
N VAL B 94 -7.35 -11.00 0.89
CA VAL B 94 -7.74 -9.62 0.89
C VAL B 94 -6.77 -8.74 1.56
N GLU B 95 -5.87 -8.12 0.80
CA GLU B 95 -4.89 -7.22 1.29
C GLU B 95 -5.37 -5.88 1.89
N SER B 96 -6.52 -5.35 1.45
CA SER B 96 -6.89 -3.95 1.79
C SER B 96 -8.34 -3.93 1.65
N CYS B 97 -8.99 -3.29 2.59
CA CYS B 97 -10.47 -3.14 2.50
C CYS B 97 -10.88 -1.72 2.96
N TYR B 98 -11.55 -1.05 2.07
CA TYR B 98 -11.74 0.43 2.10
C TYR B 98 -13.28 0.57 1.87
N SER B 99 -13.97 1.31 2.75
CA SER B 99 -15.33 1.77 2.39
C SER B 99 -15.30 3.02 1.66
N VAL B 100 -16.35 3.24 0.92
CA VAL B 100 -16.18 4.12 -0.30
C VAL B 100 -17.45 4.86 -0.62
N ALA B 101 -17.34 6.03 -1.19
CA ALA B 101 -18.56 6.78 -1.70
C ALA B 101 -18.59 6.76 -3.19
N GLY B 102 -19.31 5.83 -3.83
CA GLY B 102 -19.34 5.66 -5.26
C GLY B 102 -20.58 4.92 -5.61
N GLU B 103 -20.43 3.90 -6.45
CA GLU B 103 -21.58 2.99 -6.74
C GLU B 103 -21.65 1.76 -5.90
N GLU B 104 -20.52 1.41 -5.31
CA GLU B 104 -20.37 0.20 -4.52
C GLU B 104 -20.10 0.70 -3.08
N SER B 105 -20.19 -0.19 -2.11
CA SER B 105 -19.95 0.16 -0.72
C SER B 105 -18.53 0.07 -0.26
N TYR B 106 -17.68 -1.01 -0.64
CA TYR B 106 -16.25 -1.06 -0.42
C TYR B 106 -15.47 -1.36 -1.70
N VAL B 107 -14.26 -1.04 -1.75
CA VAL B 107 -13.25 -1.66 -2.62
C VAL B 107 -12.20 -2.60 -1.78
N LEU B 108 -11.82 -3.87 -2.23
CA LEU B 108 -10.73 -4.76 -1.75
C LEU B 108 -9.54 -4.68 -2.70
N LEU B 109 -8.25 -4.71 -2.30
CA LEU B 109 -7.18 -5.03 -3.24
C LEU B 109 -7.06 -6.51 -2.88
N VAL B 110 -6.89 -7.41 -3.88
CA VAL B 110 -6.96 -8.86 -3.58
C VAL B 110 -5.86 -9.40 -4.44
N ARG B 111 -5.19 -10.48 -4.02
CA ARG B 111 -4.04 -11.02 -4.84
C ARG B 111 -4.13 -12.50 -4.80
N VAL B 112 -3.81 -13.14 -5.94
CA VAL B 112 -4.31 -14.46 -6.20
C VAL B 112 -3.37 -14.97 -7.26
N ALA B 113 -3.48 -16.29 -7.41
CA ALA B 113 -2.43 -17.10 -8.11
C ALA B 113 -2.62 -17.01 -9.65
N SER B 114 -3.91 -16.95 -10.06
CA SER B 114 -4.28 -17.05 -11.42
C SER B 114 -5.76 -16.59 -11.55
N ALA B 115 -6.14 -16.22 -12.80
CA ALA B 115 -7.59 -15.95 -13.13
C ALA B 115 -8.52 -17.01 -12.58
N ARG B 116 -8.11 -18.26 -12.61
CA ARG B 116 -9.04 -19.24 -12.15
C ARG B 116 -9.18 -19.21 -10.61
N ALA B 117 -8.07 -19.07 -9.90
CA ALA B 117 -8.06 -18.80 -8.44
C ALA B 117 -8.98 -17.56 -8.09
N LEU B 118 -8.95 -16.48 -8.88
CA LEU B 118 -9.85 -15.37 -8.65
C LEU B 118 -11.31 -15.76 -8.68
N GLU B 119 -11.68 -16.68 -9.54
CA GLU B 119 -13.10 -17.01 -9.60
C GLU B 119 -13.54 -17.65 -8.31
N ASP B 120 -12.65 -18.46 -7.80
CA ASP B 120 -12.81 -19.07 -6.53
C ASP B 120 -12.96 -18.11 -5.37
N LEU B 121 -12.01 -17.18 -5.24
CA LEU B 121 -12.05 -16.18 -4.24
C LEU B 121 -13.35 -15.37 -4.26
N LEU B 122 -13.86 -15.04 -5.45
CA LEU B 122 -15.01 -14.19 -5.55
C LEU B 122 -16.20 -14.85 -5.02
N GLN B 123 -16.46 -16.09 -5.47
CA GLN B 123 -17.42 -17.03 -4.90
C GLN B 123 -17.35 -17.12 -3.33
N ARG B 124 -16.13 -17.28 -2.80
CA ARG B 124 -15.97 -17.28 -1.37
C ARG B 124 -16.30 -15.88 -0.79
N ILE B 125 -15.88 -14.80 -1.43
CA ILE B 125 -16.33 -13.51 -0.92
C ILE B 125 -17.85 -13.35 -0.93
N ARG B 126 -18.50 -13.64 -2.06
CA ARG B 126 -19.97 -13.55 -2.16
C ARG B 126 -20.66 -14.38 -1.06
N THR B 127 -20.19 -15.60 -0.79
CA THR B 127 -20.97 -16.39 0.19
C THR B 127 -20.67 -16.02 1.60
N THR B 128 -19.42 -15.63 1.90
CA THR B 128 -19.14 -15.19 3.22
C THR B 128 -19.60 -13.78 3.69
N ALA B 129 -19.40 -12.65 3.00
CA ALA B 129 -20.20 -11.44 3.38
C ALA B 129 -21.47 -11.59 2.57
N ASN B 130 -22.54 -10.84 2.67
CA ASN B 130 -23.47 -11.39 1.67
C ASN B 130 -23.58 -10.39 0.51
N VAL B 131 -22.53 -10.38 -0.31
CA VAL B 131 -22.26 -9.18 -1.16
C VAL B 131 -22.32 -9.52 -2.59
N ARG B 132 -22.65 -8.57 -3.46
CA ARG B 132 -22.30 -8.74 -4.90
C ARG B 132 -20.91 -8.21 -5.23
N THR B 133 -20.23 -8.81 -6.22
CA THR B 133 -18.82 -8.42 -6.51
C THR B 133 -18.73 -7.85 -7.88
N ARG B 134 -17.90 -6.82 -8.07
CA ARG B 134 -17.69 -6.25 -9.41
C ARG B 134 -16.18 -6.07 -9.45
N SER B 135 -15.48 -6.76 -10.34
CA SER B 135 -14.06 -6.58 -10.24
C SER B 135 -13.26 -6.12 -11.45
N THR B 136 -12.12 -5.46 -11.11
CA THR B 136 -11.24 -4.75 -12.01
C THR B 136 -9.81 -5.29 -11.95
N ILE B 137 -9.27 -5.70 -13.07
CA ILE B 137 -8.02 -6.44 -13.03
C ILE B 137 -6.86 -5.51 -13.23
N ILE B 138 -5.80 -5.68 -12.40
CA ILE B 138 -4.63 -4.83 -12.48
C ILE B 138 -3.71 -5.54 -13.49
N LEU B 139 -3.39 -4.86 -14.59
CA LEU B 139 -2.40 -5.35 -15.49
C LEU B 139 -0.97 -5.08 -14.90
N ASN B 140 -0.73 -3.86 -14.40
CA ASN B 140 0.60 -3.49 -14.00
C ASN B 140 0.57 -2.40 -12.93
N THR B 141 1.48 -2.52 -11.96
CA THR B 141 1.70 -1.52 -10.94
C THR B 141 2.85 -0.58 -11.35
N PHE B 142 2.63 0.70 -11.55
CA PHE B 142 3.76 1.50 -11.98
C PHE B 142 4.50 1.91 -10.71
N TYR B 143 3.78 2.28 -9.66
CA TYR B 143 4.40 2.52 -8.38
C TYR B 143 3.27 2.48 -7.43
N SER B 144 3.62 2.37 -6.16
CA SER B 144 2.75 1.87 -5.22
C SER B 144 3.23 2.39 -3.83
N ASP B 145 2.37 2.84 -2.94
CA ASP B 145 2.89 3.42 -1.66
C ASP B 145 3.97 4.49 -1.64
N ARG B 146 4.22 5.29 -2.67
CA ARG B 146 5.00 6.46 -2.46
C ARG B 146 4.22 7.36 -1.50
N GLN B 147 4.42 7.26 -0.18
CA GLN B 147 3.94 8.21 0.90
C GLN B 147 4.54 9.62 0.92
N HIS B 148 3.68 10.63 0.95
CA HIS B 148 4.10 12.03 0.81
C HIS B 148 3.86 12.75 2.15
N ILE B 149 4.87 13.46 2.66
CA ILE B 149 4.70 14.15 3.94
C ILE B 149 4.87 15.62 3.68
N PRO B 150 3.75 16.39 3.68
CA PRO B 150 3.79 17.85 3.22
C PRO B 150 5.18 18.66 3.32
N TRP C . -8.43 -0.13 -20.34
CA TRP C . -7.75 -0.82 -21.46
C TRP C . -8.49 -2.12 -21.77
O TRP C . -9.17 -2.67 -20.93
CB TRP C . -6.33 -1.22 -21.07
CG TRP C . -5.35 -0.16 -20.85
CD1 TRP C . -4.38 -0.15 -19.86
CD2 TRP C . -5.16 1.06 -21.62
NE1 TRP C . -3.62 0.98 -19.97
CE2 TRP C . -4.05 1.74 -21.04
CE3 TRP C . -5.82 1.64 -22.75
CZ2 TRP C . -3.54 3.00 -21.56
CZ3 TRP C . -5.32 2.94 -23.26
CH2 TRP C . -4.19 3.58 -22.66
OXT TRP C . -8.39 -2.68 -22.87
#